data_6D0F
#
_entry.id   6D0F
#
_cell.length_a   54.007
_cell.length_b   82.992
_cell.length_c   58.587
_cell.angle_alpha   90.00
_cell.angle_beta   111.04
_cell.angle_gamma   90.00
#
_symmetry.space_group_name_H-M   'P 1 21 1'
#
loop_
_entity.id
_entity.type
_entity.pdbx_description
1 polymer 'Estrogen receptor'
2 polymer 'GRIP Peptide'
3 non-polymer "4,4',4''-[(2R)-butane-1,1,2-triyl]triphenol"
4 water water
#
loop_
_entity_poly.entity_id
_entity_poly.type
_entity_poly.pdbx_seq_one_letter_code
_entity_poly.pdbx_strand_id
1 'polypeptide(L)'
;SLALSLTADQMVSALLDAEPPILYSEYDPTRPFSEASMMGLLTNLADRELVHMINWAKRVPGFVDLTLHDQVHLLECAWL
EILMIGLVWRSMEHPGKLLFAPNLLLDRNQGKCVEGMVEIFDMLLATSSRFRMMNLQGEEFVCLKSIILLNSGVYTFLSS
TLKSLEEKDHIHRVLDKITDTLIHLMAKAGLTLQQQHQRLAQLLLILSHIRHMSNKGMEHLYSMKCKNVVPLSDLLLEML
DAHRLHAPTS
;
A,B
2 'polypeptide(L)' HKILHRLLQD C,D
#
# COMPACT_ATOMS: atom_id res chain seq x y z
N LEU A 6 -24.13 13.58 0.73
CA LEU A 6 -24.07 13.54 2.18
C LEU A 6 -23.03 14.51 2.73
N THR A 7 -23.34 15.13 3.86
CA THR A 7 -22.40 16.00 4.53
C THR A 7 -21.33 15.16 5.22
N ALA A 8 -20.29 15.83 5.74
CA ALA A 8 -19.21 15.13 6.41
C ALA A 8 -19.76 14.45 7.66
N ASP A 9 -20.65 15.14 8.35
CA ASP A 9 -21.31 14.61 9.53
C ASP A 9 -22.19 13.41 9.16
N GLN A 10 -22.81 13.49 7.98
CA GLN A 10 -23.70 12.43 7.51
C GLN A 10 -22.92 11.22 7.04
N MET A 11 -21.74 11.44 6.48
CA MET A 11 -20.86 10.36 6.06
C MET A 11 -20.44 9.52 7.26
N VAL A 12 -20.01 10.21 8.32
CA VAL A 12 -19.58 9.54 9.54
C VAL A 12 -20.71 8.76 10.20
N SER A 13 -21.89 9.38 10.29
CA SER A 13 -23.04 8.76 10.93
C SER A 13 -23.48 7.52 10.17
N ALA A 14 -23.42 7.58 8.85
CA ALA A 14 -23.77 6.45 8.01
C ALA A 14 -22.82 5.28 8.24
N LEU A 15 -21.53 5.58 8.31
CA LEU A 15 -20.50 4.56 8.51
C LEU A 15 -20.55 3.95 9.91
N LEU A 16 -20.65 4.81 10.93
CA LEU A 16 -20.68 4.36 12.31
C LEU A 16 -21.85 3.43 12.60
N ASP A 17 -23.01 3.73 12.02
CA ASP A 17 -24.21 2.94 12.26
C ASP A 17 -24.18 1.66 11.44
N ALA A 18 -23.31 1.63 10.44
CA ALA A 18 -23.19 0.48 9.56
C ALA A 18 -22.18 -0.53 10.10
N GLU A 19 -21.54 -0.19 11.22
CA GLU A 19 -20.51 -1.04 11.80
C GLU A 19 -21.01 -2.45 12.12
N PRO A 20 -20.22 -3.46 11.73
CA PRO A 20 -20.52 -4.86 12.05
C PRO A 20 -20.28 -5.13 13.53
N PRO A 21 -20.98 -6.12 14.10
CA PRO A 21 -20.78 -6.45 15.52
C PRO A 21 -19.46 -7.16 15.76
N ILE A 22 -19.00 -7.15 17.01
CA ILE A 22 -17.81 -7.91 17.39
C ILE A 22 -18.23 -9.32 17.79
N LEU A 23 -17.88 -10.29 16.95
CA LEU A 23 -18.33 -11.67 17.14
C LEU A 23 -17.48 -12.40 18.18
N TYR A 24 -18.01 -13.49 18.72
CA TYR A 24 -17.29 -14.32 19.67
C TYR A 24 -16.77 -15.60 19.02
N SER A 25 -15.88 -16.29 19.70
CA SER A 25 -15.36 -17.57 19.21
C SER A 25 -15.72 -18.71 20.17
N GLU A 26 -15.65 -19.93 19.68
CA GLU A 26 -15.98 -21.11 20.49
C GLU A 26 -14.81 -21.50 21.39
N ALA A 36 -3.07 -25.51 14.19
CA ALA A 36 -4.20 -26.41 14.02
C ALA A 36 -5.26 -26.15 15.06
N SER A 37 -4.82 -25.94 16.30
CA SER A 37 -5.74 -25.59 17.38
C SER A 37 -6.29 -24.18 17.19
N MET A 38 -5.38 -23.23 16.99
CA MET A 38 -5.72 -21.82 16.84
C MET A 38 -6.36 -21.49 15.50
N MET A 39 -5.82 -22.08 14.44
CA MET A 39 -6.27 -21.81 13.08
C MET A 39 -7.72 -22.22 12.83
N GLY A 40 -8.19 -23.21 13.58
CA GLY A 40 -9.57 -23.61 13.49
C GLY A 40 -10.49 -22.50 13.95
N LEU A 41 -10.15 -21.90 15.09
CA LEU A 41 -10.93 -20.82 15.67
C LEU A 41 -10.95 -19.58 14.78
N LEU A 42 -9.78 -19.17 14.31
CA LEU A 42 -9.64 -17.96 13.51
C LEU A 42 -10.40 -18.06 12.20
N THR A 43 -10.32 -19.22 11.56
CA THR A 43 -11.04 -19.46 10.31
C THR A 43 -12.54 -19.41 10.54
N ASN A 44 -13.00 -20.08 11.60
CA ASN A 44 -14.41 -20.06 11.98
C ASN A 44 -14.88 -18.64 12.27
N LEU A 45 -14.05 -17.87 12.96
CA LEU A 45 -14.37 -16.48 13.28
C LEU A 45 -14.43 -15.61 12.03
N ALA A 46 -13.41 -15.72 11.18
CA ALA A 46 -13.33 -14.95 9.96
C ALA A 46 -14.50 -15.28 9.03
N ASP A 47 -14.88 -16.55 9.01
CA ASP A 47 -15.94 -17.02 8.13
C ASP A 47 -17.29 -16.43 8.54
N ARG A 48 -17.50 -16.25 9.84
CA ARG A 48 -18.74 -15.66 10.32
C ARG A 48 -18.69 -14.13 10.15
N GLU A 49 -17.51 -13.55 10.33
CA GLU A 49 -17.32 -12.12 10.12
C GLU A 49 -17.58 -11.71 8.67
N LEU A 50 -17.18 -12.57 7.72
CA LEU A 50 -17.34 -12.29 6.30
C LEU A 50 -18.79 -12.00 5.94
N VAL A 51 -19.70 -12.72 6.58
CA VAL A 51 -21.12 -12.56 6.33
C VAL A 51 -21.57 -11.15 6.73
N HIS A 52 -21.05 -10.67 7.86
CA HIS A 52 -21.38 -9.34 8.35
C HIS A 52 -20.68 -8.26 7.54
N MET A 53 -19.48 -8.56 7.05
CA MET A 53 -18.73 -7.62 6.23
C MET A 53 -19.48 -7.27 4.94
N ILE A 54 -20.08 -8.28 4.34
CA ILE A 54 -20.86 -8.12 3.12
C ILE A 54 -22.04 -7.17 3.30
N ASN A 55 -22.78 -7.36 4.39
CA ASN A 55 -23.93 -6.51 4.68
C ASN A 55 -23.47 -5.12 5.10
N TRP A 56 -22.29 -5.04 5.70
CA TRP A 56 -21.67 -3.76 6.03
C TRP A 56 -21.28 -3.03 4.74
N ALA A 57 -20.76 -3.77 3.78
CA ALA A 57 -20.30 -3.21 2.51
C ALA A 57 -21.43 -2.49 1.76
N LYS A 58 -22.62 -3.07 1.79
CA LYS A 58 -23.78 -2.47 1.13
C LYS A 58 -24.12 -1.11 1.71
N ARG A 59 -23.90 -0.95 3.00
CA ARG A 59 -24.28 0.27 3.70
C ARG A 59 -23.20 1.33 3.57
N VAL A 60 -22.07 0.97 2.97
CA VAL A 60 -21.02 1.93 2.69
C VAL A 60 -21.45 2.78 1.49
N PRO A 61 -21.61 4.09 1.71
CA PRO A 61 -22.11 5.03 0.71
C PRO A 61 -21.42 4.95 -0.65
N GLY A 62 -22.18 4.62 -1.68
CA GLY A 62 -21.66 4.56 -3.04
C GLY A 62 -21.29 3.16 -3.52
N PHE A 63 -21.32 2.19 -2.61
CA PHE A 63 -20.89 0.84 -2.96
C PHE A 63 -21.95 0.12 -3.78
N VAL A 64 -23.22 0.27 -3.40
CA VAL A 64 -24.31 -0.40 -4.10
C VAL A 64 -24.65 0.31 -5.40
N ASP A 65 -24.13 1.52 -5.56
CA ASP A 65 -24.29 2.25 -6.83
C ASP A 65 -23.46 1.58 -7.92
N LEU A 66 -22.39 0.91 -7.51
CA LEU A 66 -21.55 0.19 -8.46
C LEU A 66 -22.26 -1.06 -8.96
N THR A 67 -21.79 -1.59 -10.08
CA THR A 67 -22.35 -2.82 -10.64
C THR A 67 -22.05 -4.00 -9.72
N LEU A 68 -22.91 -5.01 -9.76
CA LEU A 68 -22.74 -6.20 -8.95
C LEU A 68 -21.41 -6.91 -9.25
N HIS A 69 -20.96 -6.83 -10.50
CA HIS A 69 -19.67 -7.38 -10.88
C HIS A 69 -18.53 -6.70 -10.15
N ASP A 70 -18.57 -5.38 -10.08
CA ASP A 70 -17.52 -4.60 -9.43
C ASP A 70 -17.52 -4.74 -7.92
N GLN A 71 -18.71 -4.82 -7.33
CA GLN A 71 -18.85 -4.94 -5.87
C GLN A 71 -18.12 -6.16 -5.29
N VAL A 72 -18.24 -7.30 -5.98
CA VAL A 72 -17.55 -8.53 -5.62
C VAL A 72 -16.04 -8.43 -5.84
N HIS A 73 -15.59 -7.81 -6.95
CA HIS A 73 -14.14 -7.70 -7.19
C HIS A 73 -13.49 -6.94 -6.02
N LEU A 74 -14.12 -5.84 -5.62
CA LEU A 74 -13.63 -5.03 -4.51
C LEU A 74 -13.58 -5.84 -3.20
N LEU A 75 -14.64 -6.57 -2.91
CA LEU A 75 -14.69 -7.37 -1.68
C LEU A 75 -13.71 -8.55 -1.72
N GLU A 76 -13.59 -9.18 -2.88
CA GLU A 76 -12.71 -10.33 -3.04
C GLU A 76 -11.24 -9.95 -2.84
N CYS A 77 -10.91 -8.70 -3.16
CA CYS A 77 -9.53 -8.24 -3.05
C CYS A 77 -9.21 -7.64 -1.68
N ALA A 78 -10.23 -7.11 -1.00
CA ALA A 78 -10.00 -6.34 0.21
C ALA A 78 -10.48 -7.01 1.50
N TRP A 79 -11.08 -8.20 1.39
CA TRP A 79 -11.75 -8.81 2.55
C TRP A 79 -10.80 -9.05 3.72
N LEU A 80 -9.58 -9.50 3.45
CA LEU A 80 -8.63 -9.79 4.53
C LEU A 80 -8.08 -8.50 5.13
N GLU A 81 -7.85 -7.50 4.28
CA GLU A 81 -7.45 -6.17 4.75
C GLU A 81 -8.47 -5.64 5.73
N ILE A 82 -9.74 -5.72 5.35
CA ILE A 82 -10.84 -5.26 6.18
C ILE A 82 -10.92 -6.04 7.49
N LEU A 83 -10.72 -7.34 7.40
CA LEU A 83 -10.68 -8.19 8.60
C LEU A 83 -9.53 -7.81 9.52
N MET A 84 -8.38 -7.52 8.93
CA MET A 84 -7.18 -7.24 9.70
C MET A 84 -7.22 -5.87 10.39
N ILE A 85 -7.62 -4.84 9.66
CA ILE A 85 -7.70 -3.50 10.25
C ILE A 85 -8.77 -3.47 11.35
N GLY A 86 -9.80 -4.30 11.22
CA GLY A 86 -10.80 -4.47 12.27
C GLY A 86 -10.14 -5.05 13.50
N LEU A 87 -9.34 -6.10 13.29
CA LEU A 87 -8.60 -6.76 14.37
C LEU A 87 -7.66 -5.79 15.07
N VAL A 88 -6.88 -5.07 14.26
CA VAL A 88 -5.95 -4.07 14.75
C VAL A 88 -6.67 -3.01 15.59
N TRP A 89 -7.85 -2.59 15.11
CA TRP A 89 -8.64 -1.57 15.78
C TRP A 89 -9.13 -1.95 17.18
N ARG A 90 -9.73 -3.13 17.32
CA ARG A 90 -10.25 -3.54 18.63
C ARG A 90 -9.11 -3.92 19.58
N SER A 91 -7.93 -4.13 19.03
CA SER A 91 -6.77 -4.51 19.83
C SER A 91 -5.95 -3.30 20.27
N MET A 92 -6.43 -2.10 19.91
CA MET A 92 -5.72 -0.85 20.19
C MET A 92 -5.39 -0.66 21.66
N GLU A 93 -6.40 -0.79 22.52
CA GLU A 93 -6.23 -0.53 23.95
C GLU A 93 -5.85 -1.80 24.72
N HIS A 94 -5.23 -2.74 24.01
CA HIS A 94 -4.72 -3.97 24.63
C HIS A 94 -3.30 -4.26 24.14
N PRO A 95 -2.32 -3.49 24.65
CA PRO A 95 -0.92 -3.55 24.21
C PRO A 95 -0.34 -4.97 24.28
N GLY A 96 0.44 -5.33 23.26
CA GLY A 96 1.13 -6.61 23.23
C GLY A 96 0.23 -7.81 23.00
N LYS A 97 -1.04 -7.56 22.72
CA LYS A 97 -1.98 -8.65 22.49
C LYS A 97 -2.94 -8.36 21.34
N LEU A 98 -3.46 -9.43 20.73
CA LEU A 98 -4.42 -9.29 19.65
C LEU A 98 -5.80 -9.76 20.10
N LEU A 99 -6.78 -8.86 20.05
CA LEU A 99 -8.12 -9.18 20.49
C LEU A 99 -8.96 -9.65 19.30
N PHE A 100 -8.87 -10.94 19.00
CA PHE A 100 -9.64 -11.54 17.91
C PHE A 100 -11.12 -11.52 18.26
N ALA A 101 -11.39 -11.74 19.54
CA ALA A 101 -12.75 -11.72 20.06
C ALA A 101 -12.67 -11.38 21.54
N PRO A 102 -13.77 -10.85 22.12
CA PRO A 102 -13.77 -10.51 23.55
C PRO A 102 -13.35 -11.68 24.44
N ASN A 103 -13.57 -12.90 23.96
CA ASN A 103 -13.18 -14.10 24.69
C ASN A 103 -11.90 -14.69 24.13
N LEU A 104 -11.36 -14.07 23.09
CA LEU A 104 -10.13 -14.55 22.47
C LEU A 104 -9.09 -13.44 22.37
N LEU A 105 -8.28 -13.30 23.41
CA LEU A 105 -7.21 -12.31 23.42
C LEU A 105 -5.90 -13.06 23.44
N LEU A 106 -5.12 -12.92 22.37
CA LEU A 106 -3.91 -13.71 22.23
C LEU A 106 -2.70 -12.80 22.34
N ASP A 107 -1.66 -13.29 23.01
CA ASP A 107 -0.39 -12.57 23.06
C ASP A 107 0.52 -13.07 21.95
N ARG A 108 1.65 -12.39 21.79
CA ARG A 108 2.63 -12.75 20.77
C ARG A 108 3.17 -14.17 20.97
N ASN A 109 3.35 -14.56 22.22
CA ASN A 109 3.88 -15.88 22.58
C ASN A 109 3.03 -17.04 22.07
N GLN A 110 1.73 -16.81 21.96
CA GLN A 110 0.79 -17.85 21.53
C GLN A 110 0.73 -18.03 20.00
N GLY A 111 1.69 -17.45 19.30
CA GLY A 111 1.74 -17.58 17.85
C GLY A 111 2.56 -18.78 17.40
N MET A 117 4.00 -17.49 11.03
CA MET A 117 2.68 -16.97 11.34
C MET A 117 2.74 -15.93 12.47
N VAL A 118 3.85 -15.94 13.20
CA VAL A 118 4.09 -14.96 14.25
C VAL A 118 4.59 -13.66 13.62
N GLU A 119 5.11 -13.77 12.39
CA GLU A 119 5.58 -12.61 11.66
C GLU A 119 4.39 -11.70 11.32
N ILE A 120 3.25 -12.32 11.04
CA ILE A 120 2.03 -11.57 10.78
C ILE A 120 1.55 -10.94 12.08
N PHE A 121 1.69 -11.69 13.17
CA PHE A 121 1.27 -11.23 14.50
C PHE A 121 2.04 -9.98 14.90
N ASP A 122 3.34 -9.97 14.59
CA ASP A 122 4.20 -8.85 14.95
C ASP A 122 3.85 -7.60 14.16
N MET A 123 3.46 -7.80 12.91
CA MET A 123 3.05 -6.70 12.04
C MET A 123 1.73 -6.09 12.49
N LEU A 124 0.80 -6.95 12.89
CA LEU A 124 -0.49 -6.50 13.39
C LEU A 124 -0.34 -5.75 14.71
N LEU A 125 0.52 -6.24 15.58
CA LEU A 125 0.83 -5.56 16.83
C LEU A 125 1.47 -4.20 16.58
N ALA A 126 2.37 -4.15 15.60
CA ALA A 126 3.03 -2.90 15.23
C ALA A 126 2.01 -1.88 14.75
N THR A 127 1.05 -2.34 13.95
CA THR A 127 0.00 -1.48 13.42
C THR A 127 -0.91 -1.01 14.55
N SER A 128 -1.17 -1.89 15.50
CA SER A 128 -2.03 -1.58 16.64
C SER A 128 -1.36 -0.54 17.52
N SER A 129 -0.06 -0.70 17.74
CA SER A 129 0.72 0.25 18.51
C SER A 129 0.87 1.56 17.75
N ARG A 130 0.80 1.49 16.43
CA ARG A 130 0.86 2.68 15.59
C ARG A 130 -0.44 3.48 15.72
N PHE A 131 -1.57 2.76 15.77
CA PHE A 131 -2.87 3.38 15.97
C PHE A 131 -2.98 4.02 17.35
N ARG A 132 -2.35 3.40 18.34
CA ARG A 132 -2.41 3.89 19.71
C ARG A 132 -1.60 5.18 19.86
N MET A 133 -0.44 5.23 19.21
CA MET A 133 0.38 6.44 19.22
C MET A 133 -0.32 7.61 18.55
N MET A 134 -1.11 7.31 17.52
CA MET A 134 -1.81 8.34 16.76
C MET A 134 -3.16 8.75 17.35
N ASN A 135 -3.61 8.04 18.37
CA ASN A 135 -4.91 8.31 18.97
C ASN A 135 -6.02 8.19 17.93
N LEU A 136 -5.97 7.12 17.15
CA LEU A 136 -6.94 6.91 16.08
C LEU A 136 -8.37 6.90 16.63
N GLN A 137 -9.19 7.81 16.11
CA GLN A 137 -10.60 7.88 16.51
C GLN A 137 -11.44 6.91 15.70
N GLY A 138 -12.56 6.47 16.28
CA GLY A 138 -13.46 5.54 15.62
C GLY A 138 -13.99 6.09 14.32
N GLU A 139 -14.24 7.39 14.31
CA GLU A 139 -14.74 8.07 13.12
C GLU A 139 -13.73 8.01 11.98
N GLU A 140 -12.44 8.05 12.33
CA GLU A 140 -11.38 7.91 11.34
C GLU A 140 -11.25 6.46 10.87
N PHE A 141 -11.45 5.53 11.79
CA PHE A 141 -11.34 4.12 11.51
C PHE A 141 -12.33 3.65 10.45
N VAL A 142 -13.60 4.01 10.63
CA VAL A 142 -14.65 3.62 9.69
C VAL A 142 -14.40 4.24 8.31
N CYS A 143 -13.68 5.37 8.28
CA CYS A 143 -13.30 5.99 7.02
C CYS A 143 -12.20 5.18 6.33
N LEU A 144 -11.15 4.86 7.07
CA LEU A 144 -10.05 4.06 6.56
C LEU A 144 -10.53 2.70 6.06
N LYS A 145 -11.41 2.07 6.84
CA LYS A 145 -11.94 0.76 6.50
C LYS A 145 -12.72 0.82 5.19
N SER A 146 -13.54 1.85 5.05
CA SER A 146 -14.30 2.07 3.81
C SER A 146 -13.39 2.43 2.65
N ILE A 147 -12.32 3.18 2.93
CA ILE A 147 -11.33 3.52 1.92
C ILE A 147 -10.68 2.26 1.36
N ILE A 148 -10.30 1.36 2.26
CA ILE A 148 -9.71 0.08 1.88
C ILE A 148 -10.62 -0.71 0.93
N LEU A 149 -11.91 -0.70 1.23
CA LEU A 149 -12.90 -1.41 0.42
C LEU A 149 -12.97 -0.87 -1.00
N LEU A 150 -12.97 0.45 -1.12
CA LEU A 150 -13.13 1.09 -2.43
C LEU A 150 -11.82 1.24 -3.20
N ASN A 151 -10.69 1.14 -2.50
CA ASN A 151 -9.40 1.40 -3.13
C ASN A 151 -8.63 0.13 -3.55
N SER A 152 -8.76 -0.93 -2.77
CA SER A 152 -7.91 -2.10 -2.94
C SER A 152 -8.07 -2.80 -4.28
N GLY A 153 -9.23 -2.65 -4.90
CA GLY A 153 -9.48 -3.30 -6.18
C GLY A 153 -9.74 -2.35 -7.34
N VAL A 154 -9.63 -1.05 -7.11
CA VAL A 154 -9.97 -0.06 -8.11
C VAL A 154 -8.94 0.04 -9.24
N TYR A 155 -7.68 -0.28 -8.94
CA TYR A 155 -6.64 -0.20 -9.96
C TYR A 155 -6.45 -1.56 -10.64
N THR A 156 -7.44 -2.42 -10.46
CA THR A 156 -7.44 -3.74 -11.08
C THR A 156 -8.86 -4.16 -11.46
N LEU A 165 -15.17 2.86 -16.65
CA LEU A 165 -14.46 4.14 -16.64
C LEU A 165 -15.27 5.21 -15.92
N GLU A 166 -16.57 5.24 -16.17
CA GLU A 166 -17.47 6.15 -15.47
C GLU A 166 -17.73 5.66 -14.06
N GLU A 167 -17.48 4.37 -13.85
CA GLU A 167 -17.64 3.76 -12.53
C GLU A 167 -16.43 4.07 -11.66
N LYS A 168 -15.25 4.13 -12.26
CA LYS A 168 -14.03 4.48 -11.56
C LYS A 168 -14.07 5.94 -11.14
N ASP A 169 -14.65 6.78 -12.02
CA ASP A 169 -14.89 8.18 -11.71
C ASP A 169 -15.75 8.30 -10.46
N HIS A 170 -16.72 7.41 -10.34
CA HIS A 170 -17.60 7.38 -9.17
C HIS A 170 -16.84 6.93 -7.93
N ILE A 171 -16.11 5.82 -8.02
CA ILE A 171 -15.36 5.32 -6.87
C ILE A 171 -14.37 6.36 -6.37
N HIS A 172 -13.70 7.02 -7.32
CA HIS A 172 -12.74 8.08 -6.99
C HIS A 172 -13.46 9.29 -6.40
N ARG A 173 -14.73 9.48 -6.78
CA ARG A 173 -15.52 10.59 -6.25
C ARG A 173 -15.92 10.30 -4.81
N VAL A 174 -16.26 9.04 -4.54
CA VAL A 174 -16.59 8.63 -3.19
C VAL A 174 -15.34 8.71 -2.31
N LEU A 175 -14.21 8.24 -2.85
CA LEU A 175 -12.93 8.33 -2.14
C LEU A 175 -12.57 9.77 -1.80
N ASP A 176 -12.77 10.67 -2.76
CA ASP A 176 -12.54 12.09 -2.53
C ASP A 176 -13.48 12.61 -1.44
N LYS A 177 -14.69 12.07 -1.40
CA LYS A 177 -15.65 12.44 -0.37
C LYS A 177 -15.20 11.97 1.00
N ILE A 178 -14.63 10.76 1.06
CA ILE A 178 -14.12 10.22 2.33
C ILE A 178 -12.87 10.99 2.76
N THR A 179 -12.11 11.48 1.79
CA THR A 179 -10.96 12.31 2.08
C THR A 179 -11.39 13.63 2.72
N ASP A 180 -12.41 14.26 2.15
CA ASP A 180 -12.96 15.49 2.73
C ASP A 180 -13.49 15.24 4.13
N THR A 181 -14.07 14.06 4.33
CA THR A 181 -14.63 13.69 5.62
C THR A 181 -13.54 13.55 6.67
N LEU A 182 -12.44 12.90 6.30
CA LEU A 182 -11.30 12.73 7.18
C LEU A 182 -10.74 14.09 7.59
N ILE A 183 -10.50 14.94 6.60
CA ILE A 183 -10.02 16.30 6.85
C ILE A 183 -11.00 17.07 7.73
N HIS A 184 -12.30 16.91 7.44
CA HIS A 184 -13.35 17.55 8.22
C HIS A 184 -13.28 17.17 9.70
N LEU A 185 -13.05 15.89 9.96
CA LEU A 185 -12.92 15.40 11.33
C LEU A 185 -11.72 16.02 12.04
N MET A 186 -10.59 16.06 11.35
CA MET A 186 -9.34 16.57 11.92
C MET A 186 -9.42 18.06 12.24
N ALA A 187 -10.10 18.82 11.39
CA ALA A 187 -10.26 20.25 11.58
C ALA A 187 -11.13 20.55 12.80
N LYS A 188 -12.10 19.68 13.05
CA LYS A 188 -13.02 19.87 14.16
C LYS A 188 -12.39 19.46 15.47
N ALA A 189 -11.22 18.84 15.39
CA ALA A 189 -10.48 18.42 16.58
C ALA A 189 -9.41 19.44 16.96
N GLY A 190 -9.42 20.57 16.26
CA GLY A 190 -8.51 21.66 16.58
C GLY A 190 -7.14 21.54 15.98
N LEU A 191 -7.01 20.73 14.92
CA LEU A 191 -5.72 20.55 14.27
C LEU A 191 -5.50 21.62 13.21
N THR A 192 -4.29 22.17 13.15
CA THR A 192 -3.97 23.15 12.12
C THR A 192 -3.98 22.46 10.77
N LEU A 193 -4.05 23.25 9.70
CA LEU A 193 -4.15 22.66 8.37
C LEU A 193 -2.88 21.91 7.97
N GLN A 194 -1.76 22.20 8.62
CA GLN A 194 -0.56 21.40 8.43
C GLN A 194 -0.71 20.02 9.06
N GLN A 195 -1.11 20.00 10.34
CA GLN A 195 -1.31 18.75 11.06
C GLN A 195 -2.39 17.88 10.45
N GLN A 196 -3.38 18.53 9.85
CA GLN A 196 -4.46 17.82 9.16
C GLN A 196 -3.88 17.07 7.97
N HIS A 197 -3.07 17.78 7.21
CA HIS A 197 -2.48 17.26 5.97
C HIS A 197 -1.42 16.21 6.26
N GLN A 198 -0.74 16.36 7.39
CA GLN A 198 0.22 15.38 7.86
C GLN A 198 -0.43 14.10 8.36
N ARG A 199 -1.47 14.26 9.17
CA ARG A 199 -2.19 13.13 9.75
C ARG A 199 -2.88 12.29 8.68
N LEU A 200 -3.44 12.97 7.68
CA LEU A 200 -4.06 12.31 6.55
C LEU A 200 -3.08 11.37 5.87
N ALA A 201 -1.89 11.89 5.60
CA ALA A 201 -0.83 11.10 4.98
C ALA A 201 -0.45 9.91 5.86
N GLN A 202 -0.26 10.18 7.14
CA GLN A 202 0.12 9.15 8.11
C GLN A 202 -0.88 7.99 8.13
N LEU A 203 -2.17 8.33 8.06
CA LEU A 203 -3.21 7.32 8.08
C LEU A 203 -3.20 6.45 6.82
N LEU A 204 -3.01 7.10 5.67
CA LEU A 204 -3.07 6.41 4.39
C LEU A 204 -1.81 5.58 4.13
N LEU A 205 -0.69 5.99 4.70
CA LEU A 205 0.55 5.23 4.56
C LEU A 205 0.44 3.89 5.28
N ILE A 206 -0.41 3.86 6.31
CA ILE A 206 -0.63 2.63 7.08
C ILE A 206 -1.38 1.61 6.23
N LEU A 207 -2.24 2.09 5.34
CA LEU A 207 -2.99 1.22 4.44
C LEU A 207 -2.07 0.41 3.55
N SER A 208 -0.85 0.91 3.35
CA SER A 208 0.17 0.20 2.59
C SER A 208 0.66 -1.02 3.38
N HIS A 209 0.85 -0.83 4.69
CA HIS A 209 1.27 -1.93 5.54
C HIS A 209 0.16 -2.96 5.67
N ILE A 210 -1.08 -2.49 5.75
CA ILE A 210 -2.23 -3.37 5.83
C ILE A 210 -2.33 -4.23 4.57
N ARG A 211 -2.07 -3.62 3.42
CA ARG A 211 -2.02 -4.38 2.16
C ARG A 211 -0.94 -5.44 2.23
N HIS A 212 0.22 -5.04 2.76
CA HIS A 212 1.36 -5.94 2.92
C HIS A 212 1.01 -7.13 3.81
N MET A 213 0.43 -6.85 4.97
CA MET A 213 0.02 -7.88 5.90
C MET A 213 -1.00 -8.83 5.27
N SER A 214 -1.91 -8.28 4.48
CA SER A 214 -2.93 -9.08 3.83
C SER A 214 -2.34 -10.02 2.79
N ASN A 215 -1.42 -9.51 1.97
CA ASN A 215 -0.78 -10.33 0.95
C ASN A 215 0.05 -11.44 1.57
N LYS A 216 0.78 -11.12 2.63
CA LYS A 216 1.57 -12.11 3.34
C LYS A 216 0.68 -13.10 4.09
N GLY A 217 -0.43 -12.62 4.61
CA GLY A 217 -1.39 -13.48 5.28
C GLY A 217 -2.03 -14.39 4.25
N MET A 218 -2.39 -13.81 3.11
CA MET A 218 -2.99 -14.53 2.01
C MET A 218 -2.01 -15.58 1.49
N GLU A 219 -0.73 -15.27 1.58
CA GLU A 219 0.33 -16.15 1.09
C GLU A 219 0.46 -17.40 1.95
N HIS A 220 0.29 -17.25 3.26
CA HIS A 220 0.29 -18.40 4.16
C HIS A 220 -1.06 -19.13 4.16
N LEU A 221 -2.14 -18.40 3.90
CA LEU A 221 -3.46 -19.02 3.89
C LEU A 221 -3.57 -19.99 2.72
N TYR A 222 -2.99 -19.61 1.59
CA TYR A 222 -2.99 -20.45 0.40
C TYR A 222 -1.95 -21.57 0.48
N SER A 223 -1.02 -21.48 1.43
CA SER A 223 0.00 -22.50 1.60
C SER A 223 -0.53 -23.75 2.30
N MET A 224 -1.19 -23.56 3.44
CA MET A 224 -1.72 -24.67 4.22
C MET A 224 -3.15 -25.05 3.81
N LYS A 225 -3.38 -25.18 2.51
CA LYS A 225 -4.71 -25.55 2.02
C LYS A 225 -4.64 -26.66 0.99
N SER A 233 -14.41 -23.09 5.12
CA SER A 233 -15.82 -23.10 4.79
C SER A 233 -16.06 -22.71 3.34
N ASP A 234 -17.33 -22.61 2.95
CA ASP A 234 -17.70 -22.32 1.56
C ASP A 234 -17.38 -20.90 1.08
N LEU A 235 -17.84 -19.88 1.82
CA LEU A 235 -17.67 -18.49 1.41
C LEU A 235 -16.20 -18.09 1.29
N LEU A 236 -15.41 -18.52 2.26
CA LEU A 236 -14.01 -18.16 2.34
C LEU A 236 -13.18 -18.79 1.22
N LEU A 237 -13.72 -19.84 0.62
CA LEU A 237 -13.04 -20.49 -0.50
C LEU A 237 -13.04 -19.58 -1.72
N GLU A 238 -14.17 -18.93 -1.98
CA GLU A 238 -14.26 -17.99 -3.10
C GLU A 238 -13.37 -16.77 -2.85
N MET A 239 -13.18 -16.45 -1.58
CA MET A 239 -12.31 -15.35 -1.17
C MET A 239 -10.84 -15.67 -1.37
N LEU A 240 -10.44 -16.89 -1.01
CA LEU A 240 -9.05 -17.32 -1.13
C LEU A 240 -8.66 -17.60 -2.57
N ASP A 241 -9.58 -18.14 -3.35
CA ASP A 241 -9.28 -18.48 -4.74
C ASP A 241 -9.20 -17.23 -5.61
N ALA A 242 -9.85 -16.16 -5.17
CA ALA A 242 -9.75 -14.85 -5.84
C ALA A 242 -8.31 -14.32 -5.89
N HIS A 243 -7.53 -14.66 -4.88
CA HIS A 243 -6.13 -14.24 -4.84
C HIS A 243 -5.19 -15.31 -5.38
N ALA B 3 17.84 18.07 7.10
CA ALA B 3 16.71 17.34 6.48
C ALA B 3 15.34 17.91 6.83
N LEU B 4 15.04 17.94 8.11
CA LEU B 4 13.94 18.69 8.69
C LEU B 4 14.21 20.20 8.65
N SER B 5 15.46 20.56 8.39
CA SER B 5 15.85 21.96 8.31
C SER B 5 15.65 22.50 6.90
N LEU B 6 15.50 21.59 5.94
CA LEU B 6 15.34 21.97 4.54
C LEU B 6 13.96 22.56 4.26
N THR B 7 13.91 23.56 3.40
CA THR B 7 12.63 24.10 2.93
C THR B 7 12.05 23.14 1.89
N ALA B 8 10.80 23.36 1.52
CA ALA B 8 10.14 22.51 0.53
C ALA B 8 10.81 22.60 -0.85
N ASP B 9 11.19 23.82 -1.25
CA ASP B 9 11.88 24.01 -2.53
C ASP B 9 13.24 23.32 -2.53
N GLN B 10 13.91 23.34 -1.39
CA GLN B 10 15.22 22.72 -1.26
C GLN B 10 15.11 21.20 -1.18
N MET B 11 14.02 20.72 -0.57
CA MET B 11 13.74 19.30 -0.50
C MET B 11 13.58 18.71 -1.90
N VAL B 12 12.79 19.39 -2.74
CA VAL B 12 12.56 18.95 -4.11
C VAL B 12 13.86 18.96 -4.92
N SER B 13 14.64 20.02 -4.76
CA SER B 13 15.89 20.18 -5.50
C SER B 13 16.87 19.06 -5.17
N ALA B 14 16.92 18.68 -3.90
CA ALA B 14 17.77 17.58 -3.47
C ALA B 14 17.33 16.27 -4.11
N LEU B 15 16.02 16.04 -4.12
CA LEU B 15 15.45 14.83 -4.68
C LEU B 15 15.63 14.74 -6.19
N LEU B 16 15.34 15.84 -6.88
CA LEU B 16 15.49 15.89 -8.34
C LEU B 16 16.94 15.65 -8.75
N ASP B 17 17.87 16.17 -7.97
CA ASP B 17 19.30 16.05 -8.26
C ASP B 17 19.86 14.68 -7.89
N ALA B 18 19.14 13.94 -7.06
CA ALA B 18 19.59 12.63 -6.62
C ALA B 18 19.06 11.52 -7.51
N GLU B 19 18.26 11.91 -8.50
CA GLU B 19 17.62 10.96 -9.41
C GLU B 19 18.63 10.07 -10.12
N PRO B 20 18.38 8.75 -10.13
CA PRO B 20 19.22 7.83 -10.89
C PRO B 20 18.96 7.98 -12.38
N PRO B 21 19.97 7.67 -13.21
CA PRO B 21 19.81 7.77 -14.66
C PRO B 21 18.93 6.67 -15.21
N ILE B 22 18.42 6.85 -16.42
CA ILE B 22 17.65 5.79 -17.09
C ILE B 22 18.62 4.89 -17.83
N LEU B 23 18.79 3.68 -17.31
CA LEU B 23 19.78 2.75 -17.86
C LEU B 23 19.27 2.02 -19.10
N TYR B 24 20.20 1.48 -19.86
CA TYR B 24 19.88 0.69 -21.04
C TYR B 24 20.05 -0.80 -20.76
N SER B 25 19.55 -1.63 -21.66
CA SER B 25 19.73 -3.07 -21.55
C SER B 25 20.56 -3.57 -22.74
N GLU B 26 21.12 -4.77 -22.60
CA GLU B 26 21.95 -5.33 -23.65
C GLU B 26 21.11 -5.91 -24.78
N PHE B 33 11.91 -12.27 -27.96
CA PHE B 33 12.65 -12.97 -26.92
C PHE B 33 11.78 -14.02 -26.23
N SER B 34 12.43 -14.96 -25.56
CA SER B 34 11.70 -16.03 -24.88
C SER B 34 11.62 -15.78 -23.38
N GLU B 35 10.98 -16.71 -22.67
CA GLU B 35 10.83 -16.60 -21.23
C GLU B 35 12.16 -16.66 -20.48
N ALA B 36 13.19 -17.20 -21.12
CA ALA B 36 14.50 -17.32 -20.47
C ALA B 36 15.37 -16.08 -20.71
N SER B 37 15.36 -15.58 -21.94
CA SER B 37 16.06 -14.37 -22.31
C SER B 37 15.43 -13.14 -21.65
N MET B 38 14.09 -13.10 -21.65
CA MET B 38 13.36 -11.94 -21.15
C MET B 38 13.63 -11.71 -19.67
N MET B 39 13.61 -12.78 -18.88
CA MET B 39 13.92 -12.66 -17.46
C MET B 39 15.39 -12.32 -17.28
N GLY B 40 16.21 -12.73 -18.25
CA GLY B 40 17.63 -12.42 -18.24
C GLY B 40 17.91 -10.93 -18.38
N LEU B 41 17.25 -10.29 -19.33
CA LEU B 41 17.43 -8.86 -19.55
C LEU B 41 16.98 -8.05 -18.34
N LEU B 42 15.80 -8.37 -17.84
CA LEU B 42 15.22 -7.65 -16.70
C LEU B 42 16.08 -7.81 -15.46
N THR B 43 16.59 -9.01 -15.23
CA THR B 43 17.46 -9.28 -14.10
C THR B 43 18.75 -8.48 -14.19
N ASN B 44 19.36 -8.50 -15.37
CA ASN B 44 20.56 -7.73 -15.63
C ASN B 44 20.31 -6.24 -15.44
N LEU B 45 19.16 -5.78 -15.93
CA LEU B 45 18.78 -4.38 -15.81
C LEU B 45 18.52 -3.98 -14.35
N ALA B 46 17.75 -4.80 -13.64
CA ALA B 46 17.41 -4.53 -12.25
C ALA B 46 18.64 -4.52 -11.35
N ASP B 47 19.59 -5.40 -11.63
CA ASP B 47 20.79 -5.49 -10.82
C ASP B 47 21.67 -4.26 -10.99
N ARG B 48 21.68 -3.70 -12.19
CA ARG B 48 22.46 -2.48 -12.44
C ARG B 48 21.75 -1.27 -11.86
N GLU B 49 20.41 -1.28 -11.93
CA GLU B 49 19.61 -0.20 -11.35
C GLU B 49 19.77 -0.14 -9.83
N LEU B 50 19.85 -1.31 -9.21
CA LEU B 50 19.97 -1.41 -7.75
C LEU B 50 21.21 -0.70 -7.22
N VAL B 51 22.31 -0.76 -7.97
CA VAL B 51 23.55 -0.11 -7.56
C VAL B 51 23.33 1.40 -7.52
N HIS B 52 22.59 1.91 -8.50
CA HIS B 52 22.28 3.34 -8.53
C HIS B 52 21.25 3.70 -7.47
N MET B 53 20.34 2.77 -7.19
CA MET B 53 19.32 2.97 -6.17
C MET B 53 19.95 3.17 -4.80
N ILE B 54 20.98 2.37 -4.53
CA ILE B 54 21.71 2.45 -3.26
C ILE B 54 22.33 3.84 -3.09
N ASN B 55 22.93 4.35 -4.16
CA ASN B 55 23.53 5.67 -4.12
C ASN B 55 22.48 6.78 -4.08
N TRP B 56 21.33 6.52 -4.70
CA TRP B 56 20.20 7.45 -4.62
C TRP B 56 19.66 7.50 -3.20
N ALA B 57 19.54 6.33 -2.57
CA ALA B 57 19.02 6.23 -1.22
C ALA B 57 19.88 7.02 -0.25
N LYS B 58 21.19 6.95 -0.43
CA LYS B 58 22.13 7.66 0.42
C LYS B 58 21.91 9.17 0.32
N ARG B 59 21.52 9.63 -0.86
CA ARG B 59 21.34 11.06 -1.11
C ARG B 59 19.94 11.53 -0.72
N VAL B 60 19.07 10.61 -0.31
CA VAL B 60 17.74 10.97 0.16
C VAL B 60 17.81 11.63 1.54
N PRO B 61 17.38 12.90 1.62
CA PRO B 61 17.48 13.69 2.86
C PRO B 61 16.91 12.96 4.08
N GLY B 62 17.76 12.70 5.06
CA GLY B 62 17.34 12.07 6.29
C GLY B 62 17.63 10.57 6.35
N PHE B 63 18.04 10.01 5.22
CA PHE B 63 18.25 8.56 5.12
C PHE B 63 19.54 8.10 5.79
N VAL B 64 20.61 8.86 5.63
CA VAL B 64 21.90 8.46 6.20
C VAL B 64 21.93 8.66 7.70
N ASP B 65 20.92 9.37 8.22
CA ASP B 65 20.77 9.58 9.66
C ASP B 65 20.39 8.29 10.36
N LEU B 66 19.74 7.39 9.65
CA LEU B 66 19.32 6.11 10.20
C LEU B 66 20.51 5.21 10.45
N THR B 67 20.32 4.19 11.29
CA THR B 67 21.40 3.25 11.53
C THR B 67 21.66 2.49 10.24
N LEU B 68 22.89 2.04 10.08
CA LEU B 68 23.29 1.29 8.91
C LEU B 68 22.47 -0.01 8.82
N HIS B 69 22.07 -0.53 9.97
CA HIS B 69 21.16 -1.67 10.03
C HIS B 69 19.79 -1.33 9.45
N ASP B 70 19.28 -0.16 9.79
CA ASP B 70 17.96 0.28 9.32
C ASP B 70 17.96 0.64 7.84
N GLN B 71 19.05 1.25 7.38
CA GLN B 71 19.19 1.59 5.96
C GLN B 71 19.05 0.35 5.09
N VAL B 72 19.63 -0.74 5.56
CA VAL B 72 19.57 -2.01 4.85
C VAL B 72 18.15 -2.55 4.85
N HIS B 73 17.49 -2.47 6.00
CA HIS B 73 16.12 -2.97 6.13
C HIS B 73 15.15 -2.26 5.21
N LEU B 74 15.21 -0.93 5.18
CA LEU B 74 14.33 -0.15 4.32
C LEU B 74 14.53 -0.48 2.84
N LEU B 75 15.79 -0.55 2.42
CA LEU B 75 16.10 -0.84 1.03
C LEU B 75 15.71 -2.28 0.67
N GLU B 76 15.93 -3.21 1.60
CA GLU B 76 15.59 -4.61 1.37
C GLU B 76 14.08 -4.81 1.24
N CYS B 77 13.31 -3.95 1.90
CA CYS B 77 11.85 -4.08 1.88
C CYS B 77 11.21 -3.32 0.72
N ALA B 78 11.87 -2.27 0.25
CA ALA B 78 11.26 -1.37 -0.72
C ALA B 78 11.87 -1.43 -2.13
N TRP B 79 12.89 -2.26 -2.34
CA TRP B 79 13.66 -2.20 -3.58
C TRP B 79 12.82 -2.47 -4.83
N LEU B 80 11.92 -3.44 -4.76
CA LEU B 80 11.10 -3.77 -5.92
C LEU B 80 10.03 -2.71 -6.15
N GLU B 81 9.49 -2.18 -5.05
CA GLU B 81 8.54 -1.07 -5.13
C GLU B 81 9.16 0.11 -5.85
N ILE B 82 10.38 0.46 -5.44
CA ILE B 82 11.09 1.60 -6.01
C ILE B 82 11.41 1.35 -7.48
N LEU B 83 11.78 0.12 -7.80
CA LEU B 83 12.02 -0.27 -9.19
C LEU B 83 10.76 -0.14 -10.02
N MET B 84 9.63 -0.54 -9.42
CA MET B 84 8.36 -0.54 -10.14
C MET B 84 7.81 0.86 -10.37
N ILE B 85 7.80 1.70 -9.33
CA ILE B 85 7.31 3.06 -9.48
C ILE B 85 8.18 3.84 -10.46
N GLY B 86 9.46 3.52 -10.51
CA GLY B 86 10.35 4.09 -11.51
C GLY B 86 9.93 3.67 -12.90
N LEU B 87 9.68 2.37 -13.06
CA LEU B 87 9.23 1.81 -14.34
C LEU B 87 7.93 2.44 -14.79
N VAL B 88 6.97 2.51 -13.85
CA VAL B 88 5.68 3.12 -14.10
C VAL B 88 5.84 4.56 -14.55
N TRP B 89 6.75 5.27 -13.91
CA TRP B 89 7.01 6.67 -14.23
C TRP B 89 7.56 6.83 -15.64
N ARG B 90 8.53 5.98 -16.02
CA ARG B 90 9.13 6.08 -17.34
C ARG B 90 8.17 5.61 -18.44
N SER B 91 7.16 4.84 -18.05
CA SER B 91 6.22 4.28 -19.01
C SER B 91 4.99 5.18 -19.15
N MET B 92 5.00 6.27 -18.40
CA MET B 92 3.89 7.21 -18.36
C MET B 92 3.53 7.75 -19.74
N GLU B 93 4.54 8.21 -20.48
CA GLU B 93 4.31 8.80 -21.79
C GLU B 93 4.36 7.74 -22.90
N HIS B 94 4.11 6.50 -22.52
CA HIS B 94 4.03 5.41 -23.49
C HIS B 94 2.83 4.51 -23.17
N PRO B 95 1.62 4.99 -23.46
CA PRO B 95 0.37 4.29 -23.10
C PRO B 95 0.34 2.84 -23.59
N GLY B 96 -0.15 1.95 -22.73
CA GLY B 96 -0.33 0.55 -23.09
C GLY B 96 0.97 -0.23 -23.21
N LYS B 97 2.09 0.41 -22.89
CA LYS B 97 3.38 -0.25 -22.98
C LYS B 97 4.28 0.10 -21.80
N LEU B 98 5.23 -0.78 -21.49
CA LEU B 98 6.14 -0.57 -20.37
C LEU B 98 7.57 -0.28 -20.84
N LEU B 99 8.09 0.88 -20.46
CA LEU B 99 9.43 1.29 -20.84
C LEU B 99 10.47 0.90 -19.80
N PHE B 100 10.96 -0.34 -19.89
CA PHE B 100 12.00 -0.82 -18.98
C PHE B 100 13.29 -0.08 -19.23
N ALA B 101 13.54 0.21 -20.50
CA ALA B 101 14.71 0.96 -20.93
C ALA B 101 14.39 1.62 -22.26
N PRO B 102 15.10 2.71 -22.61
CA PRO B 102 14.86 3.38 -23.89
C PRO B 102 14.99 2.43 -25.09
N ASN B 103 15.78 1.37 -24.92
CA ASN B 103 15.94 0.37 -25.97
C ASN B 103 15.11 -0.89 -25.68
N LEU B 104 14.42 -0.90 -24.54
CA LEU B 104 13.61 -2.05 -24.18
C LEU B 104 12.18 -1.62 -23.82
N LEU B 105 11.32 -1.56 -24.83
CA LEU B 105 9.92 -1.18 -24.66
C LEU B 105 8.95 -2.30 -25.04
N LEU B 106 8.20 -2.78 -24.06
CA LEU B 106 7.32 -3.95 -24.25
C LEU B 106 5.82 -3.65 -24.21
N ASP B 107 5.07 -4.36 -25.04
CA ASP B 107 3.62 -4.29 -25.01
C ASP B 107 3.05 -5.39 -24.10
N ARG B 108 1.75 -5.31 -23.83
CA ARG B 108 1.08 -6.30 -22.99
C ARG B 108 1.19 -7.71 -23.59
N ASN B 109 1.04 -7.79 -24.91
CA ASN B 109 1.12 -9.07 -25.60
C ASN B 109 2.49 -9.71 -25.45
N GLN B 110 3.54 -8.88 -25.40
CA GLN B 110 4.90 -9.38 -25.25
C GLN B 110 5.23 -9.59 -23.78
N GLY B 111 4.21 -9.47 -22.93
CA GLY B 111 4.37 -9.68 -21.50
C GLY B 111 4.06 -11.11 -21.12
N LYS B 112 3.34 -11.81 -22.00
CA LYS B 112 2.90 -13.17 -21.73
C LYS B 112 3.97 -14.20 -22.08
N CYS B 113 5.22 -13.74 -22.17
CA CYS B 113 6.34 -14.64 -22.49
C CYS B 113 6.67 -15.56 -21.32
N VAL B 114 6.65 -15.01 -20.10
CA VAL B 114 6.95 -15.78 -18.91
C VAL B 114 5.69 -16.07 -18.10
N MET B 117 3.54 -13.30 -15.27
CA MET B 117 4.13 -12.00 -15.57
C MET B 117 3.13 -11.09 -16.30
N VAL B 118 2.08 -11.69 -16.85
CA VAL B 118 1.07 -10.90 -17.54
C VAL B 118 0.12 -10.22 -16.56
N GLU B 119 -0.01 -10.79 -15.37
CA GLU B 119 -0.80 -10.19 -14.30
C GLU B 119 -0.09 -8.95 -13.76
N ILE B 120 1.23 -9.01 -13.69
CA ILE B 120 2.04 -7.90 -13.20
C ILE B 120 2.03 -6.75 -14.21
N PHE B 121 2.08 -7.10 -15.49
CA PHE B 121 2.12 -6.10 -16.55
C PHE B 121 0.89 -5.20 -16.58
N ASP B 122 -0.28 -5.79 -16.45
CA ASP B 122 -1.53 -5.02 -16.50
C ASP B 122 -1.71 -4.13 -15.28
N MET B 123 -1.21 -4.58 -14.13
CA MET B 123 -1.29 -3.77 -12.92
C MET B 123 -0.40 -2.55 -13.04
N LEU B 124 0.80 -2.75 -13.59
CA LEU B 124 1.74 -1.66 -13.80
C LEU B 124 1.23 -0.69 -14.86
N LEU B 125 0.63 -1.24 -15.91
CA LEU B 125 0.03 -0.42 -16.95
C LEU B 125 -1.12 0.40 -16.37
N ALA B 126 -1.89 -0.22 -15.48
CA ALA B 126 -2.99 0.46 -14.81
C ALA B 126 -2.47 1.62 -13.98
N THR B 127 -1.36 1.39 -13.27
CA THR B 127 -0.76 2.42 -12.44
C THR B 127 -0.19 3.56 -13.30
N SER B 128 0.38 3.20 -14.44
CA SER B 128 0.97 4.18 -15.34
C SER B 128 -0.09 5.09 -15.96
N SER B 129 -1.20 4.50 -16.38
CA SER B 129 -2.31 5.28 -16.91
C SER B 129 -2.98 6.08 -15.81
N ARG B 130 -2.89 5.59 -14.58
CA ARG B 130 -3.40 6.30 -13.42
C ARG B 130 -2.54 7.52 -13.11
N PHE B 131 -1.22 7.37 -13.24
CA PHE B 131 -0.32 8.51 -13.07
C PHE B 131 -0.55 9.56 -14.14
N ARG B 132 -0.83 9.10 -15.36
CA ARG B 132 -1.02 10.02 -16.48
C ARG B 132 -2.34 10.75 -16.37
N MET B 133 -3.38 10.03 -15.98
CA MET B 133 -4.70 10.61 -15.81
C MET B 133 -4.65 11.67 -14.69
N MET B 134 -3.79 11.45 -13.70
CA MET B 134 -3.60 12.42 -12.63
C MET B 134 -2.59 13.48 -13.04
N ASN B 135 -1.93 13.27 -14.17
CA ASN B 135 -0.90 14.18 -14.67
C ASN B 135 0.21 14.38 -13.65
N LEU B 136 0.70 13.28 -13.11
CA LEU B 136 1.73 13.29 -12.07
C LEU B 136 2.99 14.03 -12.50
N GLN B 137 3.37 15.03 -11.71
CA GLN B 137 4.57 15.81 -11.99
C GLN B 137 5.81 15.12 -11.44
N GLY B 138 6.96 15.38 -12.06
CA GLY B 138 8.21 14.79 -11.65
C GLY B 138 8.57 15.12 -10.21
N GLU B 139 8.27 16.34 -9.80
CA GLU B 139 8.53 16.78 -8.43
C GLU B 139 7.69 15.97 -7.44
N GLU B 140 6.49 15.58 -7.86
CA GLU B 140 5.64 14.73 -7.03
C GLU B 140 6.16 13.30 -7.04
N PHE B 141 6.68 12.87 -8.19
CA PHE B 141 7.19 11.52 -8.35
C PHE B 141 8.35 11.21 -7.40
N VAL B 142 9.35 12.09 -7.38
CA VAL B 142 10.52 11.92 -6.53
C VAL B 142 10.14 11.93 -5.05
N CYS B 143 9.02 12.57 -4.73
CA CYS B 143 8.50 12.59 -3.37
C CYS B 143 7.90 11.24 -2.99
N LEU B 144 7.05 10.70 -3.87
CA LEU B 144 6.44 9.40 -3.66
C LEU B 144 7.50 8.31 -3.50
N LYS B 145 8.52 8.37 -4.35
CA LYS B 145 9.59 7.38 -4.34
C LYS B 145 10.34 7.38 -3.01
N SER B 146 10.63 8.57 -2.49
CA SER B 146 11.31 8.70 -1.20
C SER B 146 10.41 8.23 -0.06
N ILE B 147 9.11 8.49 -0.18
CA ILE B 147 8.14 8.02 0.79
C ILE B 147 8.13 6.49 0.86
N ILE B 148 8.12 5.86 -0.31
CA ILE B 148 8.16 4.40 -0.40
C ILE B 148 9.38 3.85 0.32
N LEU B 149 10.52 4.51 0.14
CA LEU B 149 11.77 4.08 0.78
C LEU B 149 11.67 4.13 2.30
N LEU B 150 11.11 5.21 2.83
CA LEU B 150 11.07 5.43 4.27
C LEU B 150 9.88 4.77 4.97
N ASN B 151 8.85 4.43 4.21
CA ASN B 151 7.62 3.93 4.81
C ASN B 151 7.47 2.41 4.77
N SER B 152 7.96 1.77 3.72
CA SER B 152 7.68 0.36 3.47
C SER B 152 8.23 -0.58 4.55
N GLY B 153 9.29 -0.18 5.23
CA GLY B 153 9.90 -1.02 6.25
C GLY B 153 9.88 -0.44 7.65
N VAL B 154 9.22 0.70 7.82
CA VAL B 154 9.25 1.40 9.11
C VAL B 154 8.40 0.66 10.16
N TYR B 155 7.39 -0.08 9.69
CA TYR B 155 6.51 -0.82 10.58
C TYR B 155 6.96 -2.27 10.73
N THR B 156 8.24 -2.53 10.44
CA THR B 156 8.79 -3.87 10.53
C THR B 156 10.20 -3.84 11.12
N PHE B 157 10.44 -2.83 11.95
CA PHE B 157 11.70 -2.72 12.67
C PHE B 157 11.71 -3.64 13.89
N ASP B 169 10.75 6.79 14.60
CA ASP B 169 10.44 8.09 15.19
C ASP B 169 11.04 9.22 14.36
N HIS B 170 12.27 9.01 13.91
CA HIS B 170 12.95 9.97 13.05
C HIS B 170 12.26 9.98 11.69
N ILE B 171 12.05 8.77 11.18
CA ILE B 171 11.48 8.54 9.86
C ILE B 171 10.11 9.19 9.68
N HIS B 172 9.27 9.12 10.70
CA HIS B 172 7.93 9.69 10.63
C HIS B 172 7.97 11.21 10.53
N ARG B 173 9.04 11.82 11.05
CA ARG B 173 9.21 13.26 10.95
C ARG B 173 9.64 13.65 9.54
N VAL B 174 10.52 12.84 8.95
CA VAL B 174 10.96 13.05 7.58
C VAL B 174 9.80 12.82 6.62
N LEU B 175 9.01 11.79 6.90
CA LEU B 175 7.80 11.51 6.12
C LEU B 175 6.86 12.71 6.16
N ASP B 176 6.74 13.31 7.34
CA ASP B 176 5.95 14.53 7.51
C ASP B 176 6.53 15.68 6.69
N LYS B 177 7.86 15.71 6.56
CA LYS B 177 8.52 16.74 5.78
C LYS B 177 8.18 16.60 4.30
N ILE B 178 8.14 15.36 3.82
CA ILE B 178 7.81 15.09 2.43
C ILE B 178 6.33 15.36 2.16
N THR B 179 5.49 15.16 3.17
CA THR B 179 4.08 15.50 3.08
C THR B 179 3.91 16.99 2.89
N ASP B 180 4.62 17.77 3.70
CA ASP B 180 4.62 19.22 3.58
C ASP B 180 5.15 19.62 2.21
N THR B 181 6.13 18.86 1.73
CA THR B 181 6.75 19.12 0.43
C THR B 181 5.77 18.88 -0.72
N LEU B 182 5.04 17.78 -0.64
CA LEU B 182 4.04 17.45 -1.65
C LEU B 182 2.94 18.51 -1.74
N ILE B 183 2.39 18.88 -0.59
CA ILE B 183 1.36 19.91 -0.51
C ILE B 183 1.86 21.24 -1.09
N HIS B 184 3.10 21.59 -0.77
CA HIS B 184 3.72 22.82 -1.27
C HIS B 184 3.70 22.87 -2.79
N LEU B 185 4.00 21.75 -3.42
CA LEU B 185 3.96 21.64 -4.87
C LEU B 185 2.55 21.89 -5.37
N MET B 186 1.58 21.24 -4.72
CA MET B 186 0.18 21.35 -5.10
C MET B 186 -0.37 22.76 -4.87
N ALA B 187 0.07 23.39 -3.79
CA ALA B 187 -0.37 24.74 -3.46
C ALA B 187 0.21 25.75 -4.44
N LYS B 188 1.44 25.49 -4.90
CA LYS B 188 2.13 26.39 -5.80
C LYS B 188 1.67 26.18 -7.25
N ALA B 189 0.90 25.12 -7.48
CA ALA B 189 0.38 24.83 -8.80
C ALA B 189 -1.07 25.33 -8.96
N GLY B 190 -1.54 26.05 -7.95
CA GLY B 190 -2.85 26.70 -8.02
C GLY B 190 -4.05 25.85 -7.66
N LEU B 191 -3.82 24.74 -6.95
CA LEU B 191 -4.92 23.89 -6.51
C LEU B 191 -5.47 24.37 -5.18
N THR B 192 -6.79 24.34 -5.04
CA THR B 192 -7.44 24.75 -3.80
C THR B 192 -7.07 23.79 -2.67
N LEU B 193 -7.31 24.22 -1.43
CA LEU B 193 -6.93 23.43 -0.27
C LEU B 193 -7.67 22.11 -0.22
N GLN B 194 -8.83 22.07 -0.87
CA GLN B 194 -9.57 20.83 -1.00
C GLN B 194 -8.89 19.89 -1.99
N GLN B 195 -8.60 20.41 -3.17
CA GLN B 195 -7.92 19.62 -4.20
C GLN B 195 -6.52 19.21 -3.73
N GLN B 196 -5.90 20.00 -2.86
CA GLN B 196 -4.59 19.66 -2.34
C GLN B 196 -4.62 18.37 -1.52
N HIS B 197 -5.51 18.30 -0.53
CA HIS B 197 -5.56 17.12 0.31
C HIS B 197 -6.24 15.96 -0.43
N GLN B 198 -7.12 16.28 -1.38
CA GLN B 198 -7.73 15.24 -2.21
C GLN B 198 -6.68 14.62 -3.13
N ARG B 199 -5.85 15.44 -3.76
CA ARG B 199 -4.79 14.93 -4.61
C ARG B 199 -3.74 14.18 -3.79
N LEU B 200 -3.42 14.72 -2.61
CA LEU B 200 -2.49 14.08 -1.69
C LEU B 200 -2.95 12.67 -1.37
N ALA B 201 -4.23 12.55 -1.02
CA ALA B 201 -4.82 11.25 -0.70
C ALA B 201 -4.75 10.29 -1.88
N GLN B 202 -5.14 10.78 -3.06
CA GLN B 202 -5.12 9.97 -4.27
C GLN B 202 -3.74 9.40 -4.59
N LEU B 203 -2.70 10.22 -4.41
CA LEU B 203 -1.34 9.78 -4.68
C LEU B 203 -0.87 8.68 -3.73
N LEU B 204 -1.19 8.83 -2.45
CA LEU B 204 -0.71 7.90 -1.43
C LEU B 204 -1.46 6.57 -1.47
N LEU B 205 -2.71 6.60 -1.91
CA LEU B 205 -3.49 5.37 -2.04
C LEU B 205 -2.93 4.49 -3.15
N ILE B 206 -2.26 5.12 -4.11
CA ILE B 206 -1.64 4.37 -5.21
C ILE B 206 -0.46 3.54 -4.68
N LEU B 207 0.17 4.04 -3.62
CA LEU B 207 1.27 3.32 -2.98
C LEU B 207 0.81 1.98 -2.42
N SER B 208 -0.49 1.85 -2.16
CA SER B 208 -1.05 0.59 -1.71
C SER B 208 -0.99 -0.43 -2.83
N HIS B 209 -1.27 0.01 -4.04
CA HIS B 209 -1.24 -0.87 -5.21
CA HIS B 209 -1.24 -0.87 -5.21
C HIS B 209 0.19 -1.23 -5.58
N ILE B 210 1.10 -0.26 -5.44
CA ILE B 210 2.52 -0.50 -5.71
C ILE B 210 3.06 -1.55 -4.75
N ARG B 211 2.65 -1.47 -3.49
CA ARG B 211 3.02 -2.47 -2.50
C ARG B 211 2.49 -3.83 -2.91
N HIS B 212 1.26 -3.85 -3.39
CA HIS B 212 0.61 -5.08 -3.85
C HIS B 212 1.36 -5.72 -5.01
N MET B 213 1.70 -4.90 -6.01
CA MET B 213 2.43 -5.38 -7.17
C MET B 213 3.80 -5.94 -6.78
N SER B 214 4.43 -5.31 -5.79
CA SER B 214 5.72 -5.75 -5.30
C SER B 214 5.63 -7.11 -4.65
N ASN B 215 4.59 -7.30 -3.84
CA ASN B 215 4.37 -8.57 -3.15
C ASN B 215 4.11 -9.69 -4.15
N LYS B 216 3.30 -9.38 -5.17
CA LYS B 216 2.97 -10.33 -6.22
C LYS B 216 4.19 -10.63 -7.08
N GLY B 217 5.02 -9.61 -7.30
CA GLY B 217 6.25 -9.78 -8.05
C GLY B 217 7.30 -10.59 -7.32
N MET B 218 7.45 -10.33 -6.02
CA MET B 218 8.44 -11.01 -5.18
C MET B 218 8.22 -12.51 -5.03
N GLU B 219 6.97 -12.94 -4.97
CA GLU B 219 6.66 -14.36 -4.80
C GLU B 219 6.99 -15.06 -6.12
N HIS B 220 6.86 -14.31 -7.20
CA HIS B 220 7.17 -14.80 -8.55
C HIS B 220 8.67 -14.87 -8.80
N LEU B 221 9.42 -13.97 -8.19
CA LEU B 221 10.86 -13.97 -8.31
C LEU B 221 11.49 -15.12 -7.53
N TYR B 222 10.94 -15.43 -6.36
CA TYR B 222 11.43 -16.52 -5.54
C TYR B 222 11.01 -17.88 -6.09
N SER B 223 10.06 -17.83 -7.02
CA SER B 223 9.58 -19.04 -7.69
C SER B 223 10.59 -19.49 -8.72
N MET B 224 11.12 -18.54 -9.48
CA MET B 224 12.07 -18.82 -10.55
C MET B 224 13.49 -18.93 -10.02
N LYS B 225 13.73 -18.37 -8.83
CA LYS B 225 15.05 -18.42 -8.22
C LYS B 225 14.96 -18.82 -6.75
N PRO B 231 19.82 -17.37 -13.29
CA PRO B 231 20.98 -17.14 -12.42
C PRO B 231 21.04 -15.71 -11.92
N LEU B 232 20.49 -15.45 -10.74
CA LEU B 232 20.49 -14.11 -10.17
C LEU B 232 21.86 -13.78 -9.59
N SER B 233 22.16 -12.49 -9.50
CA SER B 233 23.43 -12.05 -8.93
C SER B 233 23.38 -12.17 -7.41
N ASP B 234 24.47 -11.76 -6.76
CA ASP B 234 24.55 -11.82 -5.31
C ASP B 234 23.61 -10.77 -4.72
N LEU B 235 23.72 -9.55 -5.22
CA LEU B 235 22.93 -8.44 -4.72
C LEU B 235 21.43 -8.69 -4.85
N LEU B 236 21.02 -9.16 -6.02
CA LEU B 236 19.62 -9.36 -6.29
C LEU B 236 19.05 -10.57 -5.55
N LEU B 237 19.93 -11.51 -5.22
CA LEU B 237 19.55 -12.67 -4.43
C LEU B 237 19.36 -12.31 -2.95
N GLU B 238 20.29 -11.50 -2.43
CA GLU B 238 20.25 -11.07 -1.04
C GLU B 238 19.04 -10.18 -0.76
N MET B 239 18.56 -9.51 -1.78
CA MET B 239 17.34 -8.71 -1.68
C MET B 239 16.14 -9.62 -1.49
N LEU B 240 16.15 -10.75 -2.18
CA LEU B 240 15.03 -11.69 -2.14
C LEU B 240 14.84 -12.46 -0.82
N ASP B 241 15.93 -12.83 -0.15
CA ASP B 241 15.84 -13.63 1.07
C ASP B 241 15.35 -12.69 2.19
N ALA B 242 15.64 -11.40 2.03
CA ALA B 242 15.13 -10.40 2.94
C ALA B 242 13.61 -10.48 3.01
N HIS B 243 13.01 -10.90 1.90
CA HIS B 243 11.58 -11.14 1.83
C HIS B 243 11.30 -12.62 2.05
N LYS C 2 -19.13 -16.62 -7.33
CA LYS C 2 -19.92 -17.82 -7.04
C LYS C 2 -20.93 -17.54 -5.95
N ILE C 3 -20.60 -18.01 -4.75
CA ILE C 3 -21.38 -17.72 -3.54
C ILE C 3 -21.66 -16.23 -3.40
N LEU C 4 -20.62 -15.41 -3.49
CA LEU C 4 -20.72 -14.00 -3.18
C LEU C 4 -21.82 -13.24 -3.97
N HIS C 5 -22.03 -13.57 -5.24
CA HIS C 5 -23.06 -12.88 -6.03
C HIS C 5 -24.46 -13.32 -5.64
N ARG C 6 -24.54 -14.35 -4.83
CA ARG C 6 -25.81 -14.73 -4.25
C ARG C 6 -26.14 -13.92 -3.00
N LEU C 7 -25.26 -13.93 -1.99
CA LEU C 7 -25.51 -13.19 -0.74
C LEU C 7 -25.72 -11.69 -0.93
N LEU C 8 -24.93 -11.06 -1.80
CA LEU C 8 -25.05 -9.62 -1.98
C LEU C 8 -26.23 -9.22 -2.83
N GLN C 9 -26.80 -10.18 -3.54
CA GLN C 9 -27.91 -9.84 -4.42
C GLN C 9 -29.20 -9.59 -3.67
N ASP C 10 -29.30 -10.10 -2.45
CA ASP C 10 -30.49 -9.90 -1.63
C ASP C 10 -30.12 -9.72 -0.17
N HIS D 1 29.04 -11.33 4.80
CA HIS D 1 28.00 -10.66 5.57
C HIS D 1 26.86 -10.32 4.62
N LYS D 2 26.58 -9.04 4.39
CA LYS D 2 25.77 -8.68 3.24
C LYS D 2 26.52 -7.67 2.38
N ILE D 3 26.46 -7.88 1.07
CA ILE D 3 26.98 -6.97 0.06
C ILE D 3 26.53 -5.53 0.35
N LEU D 4 25.24 -5.35 0.59
CA LEU D 4 24.62 -4.03 0.77
C LEU D 4 25.28 -3.14 1.82
N HIS D 5 25.91 -3.75 2.82
CA HIS D 5 26.54 -3.00 3.90
C HIS D 5 27.84 -2.33 3.49
N ARG D 6 28.40 -2.77 2.37
CA ARG D 6 29.57 -2.11 1.81
C ARG D 6 29.20 -0.91 0.94
N LEU D 7 28.33 -1.13 -0.03
CA LEU D 7 27.89 -0.05 -0.93
C LEU D 7 27.35 1.16 -0.17
N LEU D 8 26.68 0.93 0.96
CA LEU D 8 26.02 2.00 1.72
C LEU D 8 26.94 2.92 2.52
N GLN D 9 28.18 2.52 2.71
CA GLN D 9 29.10 3.35 3.49
C GLN D 9 30.36 3.63 2.64
N ASP D 10 30.34 3.09 1.42
CA ASP D 10 31.44 3.29 0.48
C ASP D 10 30.92 3.60 -0.91
#